data_4UQH
#
_entry.id   4UQH
#
_cell.length_a   128.394
_cell.length_b   128.394
_cell.length_c   116.573
_cell.angle_alpha   90.00
_cell.angle_beta   90.00
_cell.angle_gamma   120.00
#
_symmetry.space_group_name_H-M   'P 63 2 2'
#
loop_
_entity.id
_entity.type
_entity.pdbx_description
1 polymer 'STEROL 14-ALPHA DEMETHYLASE'
2 non-polymer 'PROTOPORPHYRIN IX CONTAINING FE'
3 non-polymer 'SULFATE ION'
4 non-polymer (R)-N-(3-(1H-indol-3-yl)-1-oxo-1-(pyridin-4-ylamino)propan-2-yl)-4-(4-(3,4-difluorophenyl)piperazin-1-yl)-2-fluorobenzamide
5 water water
#
_entity_poly.entity_id   1
_entity_poly.type   'polypeptide(L)'
_entity_poly.pdbx_seq_one_letter_code
;MAKKTSSKGKLPPVYPVTVPFLGHIVQFGKNPLEFMQRCKRDLKSGVFTISIGGQRVTIVGDPHEHSRFFSPRNEILSPR
EVYTIMTPVFGEGVAYAAPYPRMREQLNFLAEELTIAKFQNFVPAIQHEVRKFMAENWKEDEGVINLLEDCGAMIINTAC
QCLFGEDLRKRLNARHFAQLLSKMESSLIPAAVFMPWLLRLPLPQSARCREARAELQKILGEIIVAREKEEASKDNNTSD
LLGGLLKAVYRDGTRMSLHEVCGMIVAAMFAGQHTSTITTSWSMLHLMHPKNKKWLDKLHKEIDEFPAQLNYDNVMDEMP
FAERCVRESIRRDPPLLMVMRMVKAEVKVGSYVVPKGDIIACSPLLSHHDEEAFPNPRLWDPERDEKVDGAFIGFGAGVH
KCIGQKFALLQVKTILATAFREYDFQLLRDEVPDPDYHTMVVGPTLNQCLVKYTRKKKLPSHHHHHH
;
_entity_poly.pdbx_strand_id   A
#
loop_
_chem_comp.id
_chem_comp.type
_chem_comp.name
_chem_comp.formula
25S non-polymer (R)-N-(3-(1H-indol-3-yl)-1-oxo-1-(pyridin-4-ylamino)propan-2-yl)-4-(4-(3,4-difluorophenyl)piperazin-1-yl)-2-fluorobenzamide 'C33 H29 F3 N6 O2'
HEM non-polymer 'PROTOPORPHYRIN IX CONTAINING FE' 'C34 H32 Fe N4 O4'
SO4 non-polymer 'SULFATE ION' 'O4 S -2'
#
# COMPACT_ATOMS: atom_id res chain seq x y z
N LYS A 8 17.70 -5.76 -31.17
CA LYS A 8 16.98 -5.57 -32.47
C LYS A 8 16.10 -6.78 -32.82
N GLY A 9 15.37 -7.29 -31.82
CA GLY A 9 14.42 -8.41 -31.99
C GLY A 9 12.95 -8.01 -32.08
N LYS A 10 12.05 -8.94 -31.75
CA LYS A 10 10.63 -8.73 -31.89
C LYS A 10 10.08 -7.82 -30.76
N LEU A 11 9.33 -6.79 -31.17
CA LEU A 11 8.53 -5.94 -30.28
C LEU A 11 7.24 -6.65 -29.94
N PRO A 12 6.69 -6.35 -28.76
CA PRO A 12 5.36 -6.87 -28.42
C PRO A 12 4.34 -6.25 -29.33
N PRO A 13 3.22 -6.93 -29.52
CA PRO A 13 2.16 -6.38 -30.31
C PRO A 13 1.54 -5.15 -29.64
N VAL A 14 1.04 -4.25 -30.47
CA VAL A 14 0.64 -2.92 -30.05
C VAL A 14 -0.80 -2.69 -30.31
N TYR A 15 -1.55 -2.38 -29.27
CA TYR A 15 -2.95 -1.97 -29.39
C TYR A 15 -2.88 -0.62 -30.14
N PRO A 16 -3.64 -0.45 -31.24
CA PRO A 16 -3.36 0.72 -32.11
C PRO A 16 -3.87 2.05 -31.51
N VAL A 17 -3.16 3.15 -31.73
CA VAL A 17 -3.45 4.38 -30.97
C VAL A 17 -4.92 4.93 -31.13
N THR A 18 -5.49 5.34 -29.99
CA THR A 18 -6.85 5.87 -29.93
C THR A 18 -6.88 7.38 -29.79
N VAL A 19 -7.99 7.99 -30.19
CA VAL A 19 -8.03 9.45 -30.37
C VAL A 19 -8.24 10.26 -29.08
N PRO A 20 -9.26 9.93 -28.29
CA PRO A 20 -9.56 10.75 -27.11
C PRO A 20 -8.33 10.87 -26.21
N PHE A 21 -8.02 12.08 -25.74
CA PHE A 21 -6.85 12.31 -24.93
C PHE A 21 -6.89 11.57 -23.58
N LEU A 22 -5.88 10.71 -23.38
CA LEU A 22 -5.76 9.84 -22.20
C LEU A 22 -7.00 9.06 -21.99
N GLY A 23 -7.68 8.67 -23.06
CA GLY A 23 -8.98 8.01 -22.91
C GLY A 23 -8.94 6.61 -22.27
N HIS A 24 -7.82 5.91 -22.42
CA HIS A 24 -7.64 4.59 -21.80
C HIS A 24 -7.62 4.64 -20.30
N ILE A 25 -7.25 5.79 -19.72
CA ILE A 25 -7.35 5.93 -18.29
C ILE A 25 -8.78 5.86 -17.79
N VAL A 26 -9.72 6.42 -18.54
CA VAL A 26 -11.15 6.37 -18.18
C VAL A 26 -11.67 4.95 -18.15
N GLN A 27 -11.19 4.11 -19.05
CA GLN A 27 -11.55 2.68 -19.02
C GLN A 27 -10.86 1.96 -17.88
N PHE A 28 -9.61 2.32 -17.64
CA PHE A 28 -8.90 1.78 -16.50
C PHE A 28 -9.55 2.16 -15.16
N GLY A 29 -10.17 3.33 -15.09
CA GLY A 29 -10.93 3.75 -13.89
C GLY A 29 -12.39 3.27 -13.80
N LYS A 30 -12.81 2.34 -14.68
CA LYS A 30 -14.20 1.88 -14.75
C LYS A 30 -14.30 0.35 -14.64
N ASN A 31 -13.56 -0.34 -15.49
CA ASN A 31 -13.30 -1.75 -15.28
C ASN A 31 -11.93 -2.10 -15.83
N PRO A 32 -10.87 -1.90 -15.02
CA PRO A 32 -9.50 -2.17 -15.49
C PRO A 32 -9.28 -3.62 -15.78
N LEU A 33 -9.98 -4.52 -15.13
CA LEU A 33 -9.72 -5.94 -15.34
C LEU A 33 -10.18 -6.39 -16.74
N GLU A 34 -11.44 -6.11 -17.07
CA GLU A 34 -11.97 -6.37 -18.40
C GLU A 34 -11.08 -5.66 -19.44
N PHE A 35 -10.75 -4.40 -19.20
CA PHE A 35 -9.89 -3.68 -20.13
C PHE A 35 -8.62 -4.46 -20.49
N MET A 36 -7.76 -4.74 -19.51
CA MET A 36 -6.51 -5.47 -19.76
C MET A 36 -6.79 -6.90 -20.27
N GLN A 37 -7.96 -7.44 -20.00
CA GLN A 37 -8.26 -8.80 -20.46
C GLN A 37 -8.55 -8.84 -21.94
N ARG A 38 -9.32 -7.84 -22.40
CA ARG A 38 -9.52 -7.56 -23.83
C ARG A 38 -8.21 -7.38 -24.56
N CYS A 39 -7.36 -6.49 -24.08
CA CYS A 39 -6.04 -6.35 -24.67
C CYS A 39 -5.34 -7.69 -24.84
N LYS A 40 -5.39 -8.52 -23.81
CA LYS A 40 -4.81 -9.86 -23.84
C LYS A 40 -5.47 -10.76 -24.90
N ARG A 41 -6.81 -10.83 -24.93
CA ARG A 41 -7.51 -11.67 -25.89
C ARG A 41 -7.22 -11.21 -27.32
N ASP A 42 -7.58 -9.96 -27.58
CA ASP A 42 -7.53 -9.38 -28.92
C ASP A 42 -6.20 -9.55 -29.60
N LEU A 43 -5.09 -9.28 -28.91
CA LEU A 43 -3.77 -9.40 -29.55
C LEU A 43 -3.16 -10.80 -29.37
N LYS A 44 -3.85 -11.67 -28.63
CA LYS A 44 -3.35 -13.02 -28.34
C LYS A 44 -1.92 -13.02 -27.81
N SER A 45 -1.69 -12.30 -26.72
CA SER A 45 -0.37 -12.21 -26.08
C SER A 45 -0.48 -11.71 -24.66
N GLY A 46 0.30 -12.32 -23.78
CA GLY A 46 0.27 -11.98 -22.37
C GLY A 46 1.06 -10.73 -22.22
N VAL A 47 2.11 -10.58 -23.02
CA VAL A 47 2.91 -9.36 -23.08
C VAL A 47 2.44 -8.46 -24.22
N PHE A 48 2.19 -7.18 -23.95
CA PHE A 48 1.58 -6.30 -24.96
C PHE A 48 1.69 -4.85 -24.59
N THR A 49 1.31 -3.99 -25.54
CA THR A 49 1.60 -2.58 -25.49
C THR A 49 0.38 -1.75 -25.86
N ILE A 50 0.12 -0.73 -25.05
CA ILE A 50 -0.91 0.29 -25.33
C ILE A 50 -0.20 1.65 -25.34
N SER A 51 -0.85 2.64 -25.91
CA SER A 51 -0.24 3.94 -25.99
C SER A 51 -1.08 4.87 -25.11
N ILE A 52 -0.47 5.66 -24.23
CA ILE A 52 -1.23 6.61 -23.44
C ILE A 52 -0.58 7.98 -23.44
N GLY A 53 -1.29 8.95 -24.00
CA GLY A 53 -0.69 10.28 -24.11
C GLY A 53 0.59 10.26 -24.89
N GLY A 54 0.67 9.36 -25.86
CA GLY A 54 1.86 9.24 -26.68
C GLY A 54 2.97 8.48 -25.99
N GLN A 55 2.68 7.89 -24.82
CA GLN A 55 3.64 7.10 -24.07
C GLN A 55 3.29 5.62 -24.17
N ARG A 56 4.20 4.85 -24.79
CA ARG A 56 4.04 3.42 -24.93
C ARG A 56 4.17 2.78 -23.57
N VAL A 57 3.18 1.97 -23.20
CA VAL A 57 3.19 1.25 -21.94
C VAL A 57 3.08 -0.22 -22.20
N THR A 58 4.11 -0.97 -21.83
CA THR A 58 4.09 -2.41 -22.03
C THR A 58 3.72 -3.17 -20.77
N ILE A 59 2.67 -3.96 -20.89
CA ILE A 59 2.12 -4.72 -19.78
C ILE A 59 2.59 -6.18 -19.82
N VAL A 60 3.29 -6.60 -18.76
CA VAL A 60 3.67 -8.00 -18.59
C VAL A 60 2.53 -8.75 -17.95
N GLY A 61 1.70 -9.40 -18.74
CA GLY A 61 0.42 -9.93 -18.28
C GLY A 61 0.40 -11.43 -18.17
N ASP A 62 1.57 -12.04 -18.22
CA ASP A 62 1.71 -13.48 -18.12
C ASP A 62 2.46 -13.79 -16.82
N PRO A 63 1.80 -14.49 -15.87
CA PRO A 63 2.38 -14.76 -14.53
C PRO A 63 3.69 -15.54 -14.54
N HIS A 64 3.91 -16.34 -15.57
CA HIS A 64 5.18 -17.04 -15.70
C HIS A 64 6.33 -16.12 -15.98
N GLU A 65 6.07 -14.88 -16.38
CA GLU A 65 7.14 -13.97 -16.77
C GLU A 65 7.52 -12.98 -15.66
N HIS A 66 6.95 -13.15 -14.48
CA HIS A 66 7.09 -12.15 -13.41
C HIS A 66 8.52 -11.85 -13.09
N SER A 67 9.37 -12.84 -13.16
CA SER A 67 10.79 -12.66 -12.87
C SER A 67 11.46 -11.65 -13.80
N ARG A 68 11.00 -11.54 -15.04
CA ARG A 68 11.63 -10.59 -15.96
C ARG A 68 11.45 -9.19 -15.43
N PHE A 69 10.24 -8.93 -14.96
CA PHE A 69 9.87 -7.63 -14.48
C PHE A 69 10.54 -7.31 -13.18
N PHE A 70 10.48 -8.21 -12.20
CA PHE A 70 10.96 -7.86 -10.84
C PHE A 70 12.47 -8.06 -10.62
N SER A 71 13.18 -8.68 -11.56
CA SER A 71 14.58 -8.94 -11.31
C SER A 71 15.51 -7.76 -11.51
N PRO A 72 15.29 -6.92 -12.54
CA PRO A 72 16.35 -5.99 -12.88
C PRO A 72 16.70 -4.93 -11.84
N ARG A 73 17.87 -4.30 -11.98
CA ARG A 73 18.34 -3.27 -11.01
C ARG A 73 17.87 -1.86 -11.45
N ASN A 74 17.75 -0.94 -10.49
CA ASN A 74 17.25 0.43 -10.71
C ASN A 74 17.86 1.24 -11.81
N GLU A 75 19.02 0.83 -12.26
CA GLU A 75 19.73 1.46 -13.35
C GLU A 75 19.19 0.95 -14.68
N ILE A 76 18.35 -0.06 -14.65
CA ILE A 76 17.81 -0.67 -15.88
C ILE A 76 16.31 -0.52 -16.00
N LEU A 77 15.60 -0.85 -14.92
CA LEU A 77 14.18 -0.61 -14.81
C LEU A 77 14.02 0.34 -13.67
N SER A 78 13.68 1.58 -13.96
CA SER A 78 13.76 2.57 -12.92
C SER A 78 12.39 3.05 -12.61
N PRO A 79 12.12 3.24 -11.32
CA PRO A 79 10.89 3.86 -10.89
C PRO A 79 11.03 5.37 -10.74
N ARG A 80 12.23 5.94 -10.85
CA ARG A 80 12.35 7.38 -10.66
C ARG A 80 11.38 8.13 -11.57
N GLU A 81 11.47 7.90 -12.88
CA GLU A 81 10.69 8.66 -13.85
C GLU A 81 9.19 8.42 -13.74
N VAL A 82 8.76 7.28 -13.24
CA VAL A 82 7.32 7.06 -13.12
C VAL A 82 6.73 7.73 -11.89
N TYR A 83 7.54 8.19 -10.95
CA TYR A 83 7.00 8.71 -9.69
C TYR A 83 7.46 10.12 -9.43
N THR A 84 7.64 10.87 -10.50
CA THR A 84 7.89 12.31 -10.37
C THR A 84 6.69 13.03 -9.73
N ILE A 85 5.48 12.51 -9.88
CA ILE A 85 4.37 13.11 -9.16
C ILE A 85 4.63 13.31 -7.68
N MET A 86 5.50 12.50 -7.07
CA MET A 86 5.55 12.50 -5.61
C MET A 86 6.58 13.47 -5.12
N THR A 87 7.44 13.98 -6.01
CA THR A 87 8.58 14.78 -5.57
C THR A 87 8.22 16.00 -4.70
N PRO A 88 7.10 16.67 -5.03
CA PRO A 88 6.70 17.76 -4.15
C PRO A 88 6.22 17.31 -2.75
N VAL A 89 5.61 16.15 -2.63
CA VAL A 89 5.12 15.80 -1.32
C VAL A 89 6.25 15.16 -0.46
N PHE A 90 7.09 14.32 -1.06
CA PHE A 90 8.21 13.78 -0.32
C PHE A 90 9.41 14.74 -0.23
N GLY A 91 9.64 15.57 -1.23
CA GLY A 91 10.79 16.48 -1.21
C GLY A 91 11.87 16.13 -2.19
N GLU A 92 12.62 17.13 -2.64
CA GLU A 92 13.73 16.90 -3.56
C GLU A 92 14.80 16.16 -2.76
N GLY A 93 15.57 15.33 -3.46
CA GLY A 93 16.72 14.65 -2.88
C GLY A 93 16.31 13.49 -1.98
N VAL A 94 15.08 13.03 -2.17
CA VAL A 94 14.49 12.09 -1.25
C VAL A 94 13.76 10.97 -1.98
N ALA A 95 14.11 9.75 -1.59
CA ALA A 95 13.60 8.54 -2.21
C ALA A 95 13.84 8.56 -3.73
N TYR A 96 12.78 8.76 -4.50
CA TYR A 96 12.81 8.63 -5.94
C TYR A 96 13.40 9.86 -6.60
N ALA A 97 13.37 11.00 -5.93
CA ALA A 97 14.04 12.18 -6.44
C ALA A 97 15.50 12.23 -6.01
N ALA A 98 16.08 11.07 -5.65
CA ALA A 98 17.46 11.02 -5.13
C ALA A 98 18.38 10.20 -6.07
N PRO A 99 19.68 10.60 -6.17
CA PRO A 99 20.57 9.84 -7.06
C PRO A 99 20.50 8.36 -6.69
N TYR A 100 20.64 7.47 -7.68
CA TYR A 100 20.33 6.02 -7.47
C TYR A 100 21.03 5.35 -6.27
N PRO A 101 22.32 5.68 -5.99
CA PRO A 101 22.95 5.17 -4.75
C PRO A 101 22.32 5.66 -3.43
N ARG A 102 22.17 6.97 -3.34
CA ARG A 102 21.59 7.58 -2.16
C ARG A 102 20.16 7.07 -1.97
N MET A 103 19.43 6.90 -3.08
CA MET A 103 18.09 6.34 -3.04
C MET A 103 18.04 4.96 -2.41
N ARG A 104 18.86 4.02 -2.87
CA ARG A 104 18.96 2.69 -2.24
C ARG A 104 19.20 2.74 -0.72
N GLU A 105 20.15 3.56 -0.29
CA GLU A 105 20.52 3.57 1.13
C GLU A 105 19.33 4.10 1.93
N GLN A 106 18.72 5.17 1.42
CA GLN A 106 17.53 5.71 2.04
C GLN A 106 16.44 4.68 2.19
N LEU A 107 16.07 3.99 1.12
CA LEU A 107 14.99 3.04 1.24
C LEU A 107 15.36 1.96 2.22
N ASN A 108 16.64 1.61 2.28
CA ASN A 108 17.06 0.55 3.16
C ASN A 108 17.06 0.92 4.65
N PHE A 109 17.43 2.15 4.96
CA PHE A 109 17.34 2.70 6.30
C PHE A 109 15.92 2.60 6.84
N LEU A 110 14.98 2.99 6.01
CA LEU A 110 13.60 2.90 6.43
C LEU A 110 13.21 1.44 6.66
N ALA A 111 13.68 0.56 5.78
CA ALA A 111 13.41 -0.90 5.86
C ALA A 111 13.94 -1.51 7.16
N GLU A 112 15.18 -1.15 7.51
CA GLU A 112 15.75 -1.46 8.81
C GLU A 112 14.84 -1.08 9.96
N GLU A 113 14.27 0.12 9.96
CA GLU A 113 13.38 0.56 11.05
C GLU A 113 12.07 -0.22 11.13
N LEU A 114 11.70 -0.91 10.07
CA LEU A 114 10.48 -1.72 10.07
C LEU A 114 10.73 -3.25 9.96
N THR A 115 11.87 -3.72 10.49
CA THR A 115 12.14 -5.16 10.59
C THR A 115 11.47 -5.73 11.83
N ILE A 116 11.06 -6.99 11.75
CA ILE A 116 10.47 -7.72 12.90
C ILE A 116 11.27 -7.51 14.18
N ALA A 117 12.57 -7.43 14.04
CA ALA A 117 13.45 -7.13 15.17
C ALA A 117 13.18 -5.83 15.88
N LYS A 118 12.33 -4.95 15.34
CA LYS A 118 12.13 -3.61 15.92
C LYS A 118 10.75 -3.43 16.56
N PHE A 119 9.95 -4.49 16.55
CA PHE A 119 8.57 -4.40 16.95
C PHE A 119 8.34 -4.78 18.41
N GLN A 120 9.19 -4.30 19.31
CA GLN A 120 9.12 -4.71 20.70
C GLN A 120 7.76 -4.35 21.26
N ASN A 121 7.45 -3.07 21.41
CA ASN A 121 6.19 -2.75 22.09
C ASN A 121 4.96 -2.69 21.22
N PHE A 122 5.09 -3.02 19.95
CA PHE A 122 4.12 -2.61 18.98
C PHE A 122 2.75 -3.22 19.22
N VAL A 123 2.67 -4.53 19.34
CA VAL A 123 1.35 -5.13 19.54
C VAL A 123 0.53 -4.57 20.75
N PRO A 124 1.18 -4.33 21.90
CA PRO A 124 0.46 -3.68 22.99
C PRO A 124 0.06 -2.25 22.71
N ALA A 125 0.96 -1.49 22.11
CA ALA A 125 0.65 -0.12 21.74
C ALA A 125 -0.56 -0.09 20.81
N ILE A 126 -0.62 -1.08 19.94
CA ILE A 126 -1.70 -1.18 18.99
C ILE A 126 -2.98 -1.61 19.64
N GLN A 127 -2.97 -2.69 20.41
CA GLN A 127 -4.16 -3.07 21.17
C GLN A 127 -4.61 -1.88 22.00
N HIS A 128 -3.66 -1.22 22.63
CA HIS A 128 -4.00 -0.07 23.45
C HIS A 128 -4.86 0.88 22.64
N GLU A 129 -4.40 1.33 21.46
CA GLU A 129 -5.17 2.27 20.59
C GLU A 129 -6.49 1.80 20.08
N VAL A 130 -6.59 0.52 19.78
CA VAL A 130 -7.83 0.00 19.20
C VAL A 130 -8.88 -0.04 20.28
N ARG A 131 -8.46 -0.33 21.50
CA ARG A 131 -9.39 -0.39 22.62
C ARG A 131 -9.91 1.01 22.89
N LYS A 132 -8.99 1.97 23.00
CA LYS A 132 -9.34 3.38 23.17
C LYS A 132 -10.32 3.87 22.11
N PHE A 133 -10.09 3.47 20.86
CA PHE A 133 -10.96 3.84 19.74
C PHE A 133 -12.32 3.21 19.90
N MET A 134 -12.37 1.89 20.08
CA MET A 134 -13.66 1.20 20.29
C MET A 134 -14.46 1.77 21.49
N ALA A 135 -13.76 2.27 22.49
CA ALA A 135 -14.42 2.84 23.65
C ALA A 135 -15.01 4.22 23.36
N GLU A 136 -14.29 5.09 22.67
CA GLU A 136 -14.86 6.38 22.25
C GLU A 136 -15.96 6.30 21.18
N ASN A 137 -15.89 5.39 20.20
CA ASN A 137 -16.89 5.41 19.10
C ASN A 137 -17.81 4.22 19.00
N TRP A 138 -17.47 3.12 19.67
CA TRP A 138 -18.34 1.95 19.63
C TRP A 138 -18.88 1.72 21.04
N LYS A 139 -19.35 2.81 21.65
CA LYS A 139 -19.73 2.87 23.09
C LYS A 139 -20.95 2.02 23.42
N GLU A 140 -21.87 1.93 22.46
CA GLU A 140 -23.17 1.30 22.70
C GLU A 140 -23.09 -0.21 22.70
N ASP A 141 -24.23 -0.84 22.91
CA ASP A 141 -24.33 -2.29 22.89
C ASP A 141 -24.38 -2.68 21.45
N GLU A 142 -24.86 -1.75 20.64
CA GLU A 142 -24.95 -1.93 19.21
C GLU A 142 -24.97 -0.54 18.57
N GLY A 143 -24.56 -0.46 17.31
CA GLY A 143 -24.54 0.82 16.59
C GLY A 143 -24.10 0.67 15.14
N VAL A 144 -24.29 1.72 14.36
CA VAL A 144 -23.91 1.71 12.97
C VAL A 144 -22.73 2.61 12.67
N ILE A 145 -21.84 2.09 11.82
CA ILE A 145 -20.56 2.75 11.49
C ILE A 145 -20.17 2.58 10.01
N ASN A 146 -19.28 3.43 9.55
CA ASN A 146 -18.64 3.17 8.27
C ASN A 146 -17.31 2.45 8.53
N LEU A 147 -17.26 1.18 8.18
CA LEU A 147 -16.10 0.40 8.51
C LEU A 147 -14.82 1.00 7.88
N LEU A 148 -14.93 1.46 6.65
CA LEU A 148 -13.79 2.02 5.93
C LEU A 148 -13.22 3.26 6.57
N GLU A 149 -14.07 4.18 6.96
CA GLU A 149 -13.59 5.34 7.72
C GLU A 149 -12.97 4.96 9.07
N ASP A 150 -13.57 3.99 9.76
CA ASP A 150 -13.05 3.66 11.08
C ASP A 150 -11.72 2.88 11.07
N CYS A 151 -11.60 1.91 10.17
CA CYS A 151 -10.28 1.34 9.96
C CYS A 151 -9.24 2.44 9.66
N GLY A 152 -9.62 3.41 8.82
CA GLY A 152 -8.75 4.53 8.45
C GLY A 152 -8.19 5.16 9.68
N ALA A 153 -9.09 5.44 10.62
CA ALA A 153 -8.75 6.11 11.89
C ALA A 153 -7.83 5.24 12.73
N MET A 154 -8.20 3.97 12.83
CA MET A 154 -7.41 3.03 13.59
C MET A 154 -5.98 2.86 13.06
N ILE A 155 -5.84 2.79 11.75
CA ILE A 155 -4.55 2.59 11.15
C ILE A 155 -3.62 3.75 11.42
N ILE A 156 -4.12 4.97 11.26
CA ILE A 156 -3.30 6.14 11.51
C ILE A 156 -2.99 6.21 13.02
N ASN A 157 -3.98 5.98 13.87
CA ASN A 157 -3.72 6.09 15.34
C ASN A 157 -2.73 5.03 15.82
N THR A 158 -2.96 3.77 15.44
CA THR A 158 -2.01 2.71 15.75
C THR A 158 -0.61 2.98 15.19
N ALA A 159 -0.47 3.29 13.91
CA ALA A 159 0.84 3.65 13.39
C ALA A 159 1.57 4.74 14.19
N CYS A 160 0.87 5.76 14.60
CA CYS A 160 1.51 6.82 15.38
C CYS A 160 1.96 6.38 16.76
N GLN A 161 1.22 5.48 17.41
CA GLN A 161 1.67 4.94 18.71
C GLN A 161 2.95 4.15 18.56
N CYS A 162 3.01 3.26 17.57
CA CYS A 162 4.18 2.48 17.33
C CYS A 162 5.39 3.33 16.98
N LEU A 163 5.21 4.24 16.04
CA LEU A 163 6.34 4.83 15.38
C LEU A 163 6.80 6.10 16.02
N PHE A 164 5.95 6.75 16.77
CA PHE A 164 6.30 8.05 17.26
C PHE A 164 6.28 8.06 18.75
N GLY A 165 7.28 8.70 19.31
CA GLY A 165 7.38 8.88 20.75
C GLY A 165 6.38 9.86 21.28
N GLU A 166 6.20 9.79 22.59
CA GLU A 166 5.21 10.55 23.33
C GLU A 166 5.37 12.03 23.05
N ASP A 167 6.61 12.51 23.14
CA ASP A 167 6.92 13.93 22.91
C ASP A 167 6.46 14.35 21.52
N LEU A 168 6.72 13.49 20.53
CA LEU A 168 6.36 13.84 19.19
C LEU A 168 4.84 13.93 19.04
N ARG A 169 4.16 12.86 19.44
CA ARG A 169 2.72 12.79 19.34
C ARG A 169 2.00 13.94 20.04
N LYS A 170 2.60 14.46 21.10
CA LYS A 170 2.02 15.57 21.83
C LYS A 170 2.05 16.84 20.99
N ARG A 171 3.12 16.99 20.21
CA ARG A 171 3.24 18.11 19.27
C ARG A 171 2.48 17.91 17.95
N LEU A 172 2.23 16.66 17.55
CA LEU A 172 1.58 16.38 16.28
C LEU A 172 0.72 15.18 16.35
N ASN A 173 -0.55 15.34 16.65
CA ASN A 173 -1.34 14.13 16.85
C ASN A 173 -1.77 13.54 15.52
N ALA A 174 -2.42 12.39 15.59
CA ALA A 174 -2.71 11.59 14.43
C ALA A 174 -3.76 12.23 13.55
N ARG A 175 -4.54 13.10 14.13
CA ARG A 175 -5.63 13.68 13.39
C ARG A 175 -5.10 14.82 12.54
N HIS A 176 -4.06 15.51 13.02
CA HIS A 176 -3.37 16.50 12.24
C HIS A 176 -2.52 15.83 11.21
N PHE A 177 -1.88 14.74 11.62
CA PHE A 177 -1.10 14.00 10.70
C PHE A 177 -1.99 13.49 9.58
N ALA A 178 -3.16 12.93 9.90
CA ALA A 178 -4.05 12.43 8.85
C ALA A 178 -4.44 13.56 7.86
N GLN A 179 -4.55 14.79 8.37
CA GLN A 179 -4.91 15.93 7.52
C GLN A 179 -3.82 16.33 6.58
N LEU A 180 -2.60 16.37 7.09
CA LEU A 180 -1.44 16.63 6.24
C LEU A 180 -1.41 15.60 5.07
N LEU A 181 -1.50 14.31 5.37
CA LEU A 181 -1.49 13.23 4.37
C LEU A 181 -2.59 13.41 3.37
N SER A 182 -3.80 13.67 3.83
CA SER A 182 -4.93 13.97 2.93
C SER A 182 -4.70 15.19 2.06
N LYS A 183 -4.30 16.32 2.61
CA LYS A 183 -4.05 17.51 1.81
C LYS A 183 -3.04 17.17 0.71
N MET A 184 -1.99 16.43 1.07
CA MET A 184 -0.92 16.09 0.13
C MET A 184 -1.44 15.21 -1.00
N GLU A 185 -2.19 14.19 -0.65
CA GLU A 185 -2.77 13.33 -1.65
C GLU A 185 -3.58 14.10 -2.67
N SER A 186 -4.36 15.05 -2.16
CA SER A 186 -5.37 15.75 -2.93
C SER A 186 -4.68 16.67 -3.93
N SER A 187 -3.41 16.95 -3.69
CA SER A 187 -2.73 17.84 -4.57
C SER A 187 -2.12 17.08 -5.77
N LEU A 188 -2.35 15.77 -5.87
CA LEU A 188 -1.65 14.98 -6.87
C LEU A 188 -2.42 14.87 -8.19
N ILE A 189 -1.68 14.67 -9.26
CA ILE A 189 -2.27 14.37 -10.59
C ILE A 189 -1.79 13.00 -11.02
N PRO A 190 -2.52 11.96 -10.64
CA PRO A 190 -2.07 10.61 -10.95
C PRO A 190 -1.85 10.37 -12.44
N ALA A 191 -2.67 10.97 -13.28
CA ALA A 191 -2.58 10.73 -14.70
C ALA A 191 -1.35 11.36 -15.35
N ALA A 192 -0.62 12.15 -14.58
CA ALA A 192 0.55 12.83 -15.07
C ALA A 192 1.70 11.89 -15.11
N VAL A 193 1.47 10.65 -14.69
CA VAL A 193 2.48 9.61 -14.93
C VAL A 193 2.73 9.54 -16.45
N PHE A 194 1.69 9.86 -17.22
CA PHE A 194 1.68 9.87 -18.67
C PHE A 194 1.79 11.26 -19.27
N MET A 195 2.20 12.27 -18.48
CA MET A 195 2.34 13.67 -18.91
C MET A 195 3.62 14.25 -18.31
N PRO A 196 4.73 13.60 -18.55
CA PRO A 196 5.97 14.11 -17.94
C PRO A 196 6.23 15.54 -18.31
N TRP A 197 5.67 15.99 -19.43
CA TRP A 197 5.79 17.43 -19.83
C TRP A 197 5.06 18.35 -18.82
N LEU A 198 3.95 17.91 -18.27
CA LEU A 198 3.24 18.69 -17.28
C LEU A 198 4.10 18.99 -16.06
N LEU A 199 4.82 17.99 -15.60
CA LEU A 199 5.55 18.14 -14.36
C LEU A 199 6.82 18.99 -14.50
N ARG A 200 7.16 19.42 -15.71
CA ARG A 200 8.27 20.37 -15.91
C ARG A 200 7.78 21.79 -15.76
N LEU A 201 6.46 21.98 -15.72
CA LEU A 201 5.86 23.32 -15.59
C LEU A 201 5.59 23.69 -14.13
N PRO A 202 5.68 24.97 -13.78
CA PRO A 202 5.28 25.42 -12.44
C PRO A 202 3.83 25.09 -12.11
N LEU A 203 3.62 24.28 -11.07
CA LEU A 203 2.28 24.03 -10.53
C LEU A 203 2.09 24.80 -9.21
N PRO A 204 1.00 25.54 -9.07
CA PRO A 204 0.87 26.26 -7.81
C PRO A 204 0.91 25.33 -6.60
N GLN A 205 0.18 24.23 -6.68
CA GLN A 205 -0.01 23.33 -5.55
C GLN A 205 1.24 22.50 -5.24
N SER A 206 2.19 22.46 -6.15
CA SER A 206 3.52 22.04 -5.76
C SER A 206 4.09 22.90 -4.64
N ALA A 207 4.02 24.22 -4.75
CA ALA A 207 4.62 25.11 -3.72
C ALA A 207 3.86 25.08 -2.39
N ARG A 208 2.54 24.90 -2.42
CA ARG A 208 1.79 24.90 -1.15
C ARG A 208 2.26 23.72 -0.30
N CYS A 209 2.24 22.53 -0.92
CA CYS A 209 2.74 21.32 -0.32
C CYS A 209 4.19 21.32 0.20
N ARG A 210 5.08 22.13 -0.37
CA ARG A 210 6.45 22.20 0.16
C ARG A 210 6.44 23.05 1.41
N GLU A 211 5.59 24.07 1.45
CA GLU A 211 5.45 24.86 2.65
C GLU A 211 4.82 24.01 3.75
N ALA A 212 3.80 23.21 3.41
CA ALA A 212 3.21 22.30 4.38
C ALA A 212 4.20 21.33 5.00
N ARG A 213 5.18 20.89 4.21
CA ARG A 213 6.17 19.88 4.65
C ARG A 213 7.33 20.56 5.42
N ALA A 214 7.57 21.83 5.12
CA ALA A 214 8.51 22.63 5.91
C ALA A 214 7.93 22.93 7.31
N GLU A 215 6.60 22.96 7.47
CA GLU A 215 6.02 23.16 8.80
C GLU A 215 6.25 21.93 9.64
N LEU A 216 6.06 20.76 9.06
CA LEU A 216 6.36 19.50 9.74
C LEU A 216 7.85 19.35 10.09
N GLN A 217 8.70 19.73 9.17
CA GLN A 217 10.17 19.69 9.39
C GLN A 217 10.58 20.54 10.57
N LYS A 218 9.91 21.68 10.71
CA LYS A 218 10.23 22.60 11.79
C LYS A 218 9.93 21.91 13.12
N ILE A 219 8.78 21.25 13.17
CA ILE A 219 8.34 20.54 14.35
C ILE A 219 9.33 19.47 14.72
N LEU A 220 9.70 18.64 13.76
CA LEU A 220 10.67 17.60 14.01
C LEU A 220 11.96 18.20 14.54
N GLY A 221 12.43 19.31 13.97
CA GLY A 221 13.63 19.91 14.47
C GLY A 221 13.53 20.39 15.90
N GLU A 222 12.40 21.01 16.26
CA GLU A 222 12.21 21.50 17.63
C GLU A 222 12.26 20.34 18.62
N ILE A 223 11.63 19.24 18.25
CA ILE A 223 11.68 18.03 19.05
C ILE A 223 13.08 17.45 19.24
N ILE A 224 13.87 17.42 18.20
CA ILE A 224 15.20 16.87 18.32
C ILE A 224 16.00 17.70 19.32
N VAL A 225 15.89 19.01 19.24
CA VAL A 225 16.59 19.92 20.15
C VAL A 225 16.14 19.70 21.59
N ALA A 226 14.85 19.46 21.76
CA ALA A 226 14.30 19.18 23.07
C ALA A 226 14.86 17.88 23.62
N ARG A 227 14.92 16.84 22.78
CA ARG A 227 15.42 15.54 23.22
C ARG A 227 16.87 15.65 23.63
N GLU A 228 17.62 16.47 22.91
CA GLU A 228 19.03 16.61 23.18
C GLU A 228 19.34 17.43 24.46
N LYS A 229 18.41 18.25 24.94
CA LYS A 229 18.51 18.87 26.27
C LYS A 229 18.28 17.85 27.40
N GLU A 230 17.06 17.31 27.51
CA GLU A 230 16.64 16.31 28.56
C GLU A 230 17.69 15.24 28.91
N THR A 238 15.03 8.73 21.28
CA THR A 238 15.79 8.42 20.07
C THR A 238 15.65 6.92 19.65
N SER A 239 14.63 6.24 20.17
CA SER A 239 14.29 4.85 19.76
C SER A 239 13.01 4.77 18.93
N ASP A 240 12.34 5.88 18.68
CA ASP A 240 11.22 5.89 17.74
C ASP A 240 11.77 5.99 16.30
N LEU A 241 10.89 6.03 15.32
CA LEU A 241 11.31 6.10 13.93
C LEU A 241 12.21 7.31 13.68
N LEU A 242 11.80 8.45 14.22
CA LEU A 242 12.58 9.68 14.05
C LEU A 242 14.00 9.50 14.55
N GLY A 243 14.12 8.88 15.72
CA GLY A 243 15.43 8.70 16.35
C GLY A 243 16.27 7.69 15.61
N GLY A 244 15.67 6.55 15.28
CA GLY A 244 16.33 5.53 14.50
C GLY A 244 16.94 6.11 13.24
N LEU A 245 16.16 6.87 12.48
CA LEU A 245 16.59 7.33 11.19
C LEU A 245 17.72 8.32 11.36
N LEU A 246 17.64 9.18 12.37
CA LEU A 246 18.77 10.13 12.62
C LEU A 246 20.09 9.50 12.98
N LYS A 247 20.03 8.29 13.51
CA LYS A 247 21.20 7.51 13.84
C LYS A 247 21.80 6.78 12.64
N ALA A 248 21.21 6.93 11.45
CA ALA A 248 21.62 6.11 10.30
C ALA A 248 22.88 6.69 9.69
N VAL A 249 23.73 5.84 9.11
CA VAL A 249 24.99 6.29 8.45
C VAL A 249 25.11 5.73 7.04
N TYR A 250 25.40 6.60 6.08
CA TYR A 250 25.57 6.17 4.71
C TYR A 250 26.94 5.48 4.57
N ARG A 251 27.18 4.82 3.45
CA ARG A 251 28.48 4.20 3.16
C ARG A 251 29.67 5.16 3.36
N ASP A 252 29.56 6.36 2.79
CA ASP A 252 30.57 7.38 2.95
C ASP A 252 30.69 7.98 4.38
N GLY A 253 29.92 7.50 5.36
CA GLY A 253 30.11 7.92 6.76
C GLY A 253 29.43 9.23 7.15
N THR A 254 28.45 9.67 6.36
CA THR A 254 27.63 10.83 6.73
C THR A 254 26.21 10.42 7.20
N ARG A 255 25.54 11.32 7.93
CA ARG A 255 24.14 11.11 8.34
C ARG A 255 23.14 11.64 7.29
N MET A 256 21.89 11.18 7.37
CA MET A 256 20.78 11.78 6.65
C MET A 256 20.54 13.16 7.21
N SER A 257 20.23 14.09 6.33
CA SER A 257 19.74 15.38 6.73
C SER A 257 18.40 15.20 7.37
N LEU A 258 18.02 16.20 8.13
CA LEU A 258 16.70 16.17 8.71
C LEU A 258 15.66 16.33 7.59
N HIS A 259 16.01 17.06 6.52
CA HIS A 259 15.18 17.16 5.34
C HIS A 259 14.89 15.80 4.69
N GLU A 260 15.88 14.94 4.65
CA GLU A 260 15.67 13.60 4.13
C GLU A 260 14.89 12.76 5.10
N VAL A 261 15.10 12.97 6.40
CA VAL A 261 14.41 12.15 7.40
C VAL A 261 12.93 12.49 7.42
N CYS A 262 12.63 13.77 7.37
CA CYS A 262 11.27 14.22 7.34
C CYS A 262 10.51 13.64 6.15
N GLY A 263 11.16 13.66 4.97
CA GLY A 263 10.65 13.02 3.77
C GLY A 263 10.37 11.52 3.90
N MET A 264 11.28 10.80 4.54
CA MET A 264 11.10 9.38 4.72
C MET A 264 9.91 9.07 5.62
N ILE A 265 9.77 9.84 6.68
CA ILE A 265 8.66 9.67 7.58
C ILE A 265 7.30 9.94 6.92
N VAL A 266 7.22 11.01 6.14
CA VAL A 266 6.04 11.25 5.35
C VAL A 266 5.72 10.10 4.37
N ALA A 267 6.74 9.62 3.67
CA ALA A 267 6.55 8.51 2.71
C ALA A 267 6.04 7.28 3.40
N ALA A 268 6.59 7.02 4.59
CA ALA A 268 6.19 5.88 5.37
C ALA A 268 4.70 5.96 5.69
N MET A 269 4.26 7.05 6.30
CA MET A 269 2.83 7.20 6.69
C MET A 269 1.93 7.25 5.45
N PHE A 270 2.36 7.98 4.42
CA PHE A 270 1.59 8.04 3.18
C PHE A 270 1.36 6.64 2.59
N ALA A 271 2.45 5.87 2.52
CA ALA A 271 2.34 4.54 1.97
C ALA A 271 1.29 3.68 2.61
N GLY A 272 1.22 3.71 3.95
CA GLY A 272 0.29 2.87 4.67
C GLY A 272 -1.10 3.38 4.86
N GLN A 273 -1.37 4.69 4.66
CA GLN A 273 -2.69 5.30 4.99
CA GLN A 273 -2.69 5.21 5.05
C GLN A 273 -3.84 4.52 4.35
N HIS A 274 -3.75 4.33 3.03
CA HIS A 274 -4.86 3.69 2.34
C HIS A 274 -4.77 2.19 2.18
N THR A 275 -3.56 1.70 1.92
CA THR A 275 -3.31 0.29 1.70
C THR A 275 -3.69 -0.56 2.91
N SER A 276 -3.15 -0.23 4.05
CA SER A 276 -3.46 -1.00 5.24
C SER A 276 -4.89 -0.88 5.60
N THR A 277 -5.42 0.33 5.48
CA THR A 277 -6.82 0.54 5.76
C THR A 277 -7.69 -0.37 4.95
N ILE A 278 -7.37 -0.45 3.67
CA ILE A 278 -8.23 -1.17 2.74
C ILE A 278 -8.13 -2.65 2.95
N THR A 279 -6.97 -3.11 3.37
CA THR A 279 -6.80 -4.51 3.62
C THR A 279 -7.60 -4.92 4.84
N THR A 280 -7.54 -4.10 5.86
CA THR A 280 -8.34 -4.39 7.04
C THR A 280 -9.83 -4.49 6.70
N SER A 281 -10.33 -3.50 5.98
CA SER A 281 -11.74 -3.37 5.69
C SER A 281 -12.22 -4.62 4.99
N TRP A 282 -11.59 -4.94 3.85
CA TRP A 282 -11.90 -6.15 3.09
C TRP A 282 -11.87 -7.41 3.99
N SER A 283 -10.78 -7.54 4.73
CA SER A 283 -10.68 -8.72 5.54
C SER A 283 -11.90 -8.83 6.46
N MET A 284 -12.29 -7.72 7.09
CA MET A 284 -13.43 -7.74 7.99
C MET A 284 -14.71 -8.01 7.22
N LEU A 285 -14.83 -7.37 6.08
CA LEU A 285 -16.05 -7.48 5.29
C LEU A 285 -16.32 -8.91 4.85
N HIS A 286 -15.28 -9.59 4.42
CA HIS A 286 -15.42 -10.98 4.01
C HIS A 286 -15.76 -11.82 5.25
N LEU A 287 -15.10 -11.59 6.37
CA LEU A 287 -15.27 -12.45 7.52
C LEU A 287 -16.69 -12.37 8.14
N MET A 288 -17.29 -11.17 8.13
CA MET A 288 -18.62 -10.96 8.70
C MET A 288 -19.75 -11.36 7.77
N HIS A 289 -19.40 -11.72 6.55
CA HIS A 289 -20.37 -12.16 5.58
C HIS A 289 -20.87 -13.59 5.94
N PRO A 290 -22.21 -13.80 5.97
CA PRO A 290 -22.85 -15.10 6.30
C PRO A 290 -22.26 -16.33 5.63
N LYS A 291 -22.15 -16.34 4.31
CA LYS A 291 -21.62 -17.54 3.64
C LYS A 291 -20.17 -17.83 4.01
N ASN A 292 -19.52 -16.97 4.79
CA ASN A 292 -18.17 -17.22 5.28
C ASN A 292 -18.12 -17.52 6.79
N LYS A 293 -19.28 -17.82 7.38
CA LYS A 293 -19.39 -18.18 8.80
C LYS A 293 -18.31 -19.16 9.21
N LYS A 294 -18.14 -20.15 8.35
CA LYS A 294 -17.24 -21.25 8.59
C LYS A 294 -15.86 -20.68 8.89
N TRP A 295 -15.39 -19.80 8.00
CA TRP A 295 -14.11 -19.07 8.16
C TRP A 295 -14.08 -18.16 9.40
N LEU A 296 -15.17 -17.46 9.68
CA LEU A 296 -15.25 -16.68 10.94
C LEU A 296 -15.00 -17.58 12.21
N ASP A 297 -15.55 -18.78 12.21
CA ASP A 297 -15.41 -19.69 13.36
C ASP A 297 -13.98 -20.15 13.48
N LYS A 298 -13.40 -20.54 12.35
CA LYS A 298 -11.98 -20.88 12.28
C LYS A 298 -11.08 -19.79 12.89
N LEU A 299 -11.44 -18.52 12.65
CA LEU A 299 -10.68 -17.39 13.21
C LEU A 299 -10.96 -17.22 14.70
N HIS A 300 -12.21 -17.41 15.11
CA HIS A 300 -12.54 -17.36 16.54
C HIS A 300 -11.80 -18.40 17.34
N LYS A 301 -11.69 -19.61 16.80
CA LYS A 301 -10.94 -20.65 17.45
C LYS A 301 -9.51 -20.18 17.65
N GLU A 302 -8.88 -19.73 16.56
CA GLU A 302 -7.50 -19.26 16.60
C GLU A 302 -7.25 -18.16 17.62
N ILE A 303 -8.19 -17.24 17.79
CA ILE A 303 -7.93 -16.11 18.72
C ILE A 303 -8.41 -16.34 20.15
N ASP A 304 -9.41 -17.20 20.31
CA ASP A 304 -9.88 -17.64 21.64
C ASP A 304 -8.74 -18.34 22.39
N GLU A 305 -7.99 -19.16 21.62
CA GLU A 305 -6.75 -19.80 22.07
C GLU A 305 -5.68 -18.84 22.64
N PHE A 306 -5.96 -17.55 22.81
CA PHE A 306 -4.98 -16.58 23.33
C PHE A 306 -5.55 -15.88 24.52
N PRO A 307 -4.67 -15.28 25.35
CA PRO A 307 -5.16 -14.35 26.36
C PRO A 307 -5.70 -13.06 25.74
N ALA A 308 -5.85 -12.03 26.58
CA ALA A 308 -6.42 -10.77 26.15
C ALA A 308 -5.32 -9.84 25.69
N GLN A 309 -4.37 -9.54 26.57
CA GLN A 309 -3.20 -8.73 26.16
C GLN A 309 -2.39 -9.62 25.24
N LEU A 310 -2.32 -9.29 23.95
CA LEU A 310 -1.56 -10.10 23.02
C LEU A 310 -0.11 -9.63 22.97
N ASN A 311 0.71 -10.38 22.23
CA ASN A 311 2.14 -10.03 21.98
C ASN A 311 2.63 -10.48 20.60
N TYR A 312 3.86 -10.02 20.27
CA TYR A 312 4.45 -10.25 18.97
C TYR A 312 4.30 -11.71 18.51
N ASP A 313 4.78 -12.65 19.33
CA ASP A 313 4.78 -14.08 18.96
C ASP A 313 3.38 -14.56 18.58
N ASN A 314 2.41 -14.28 19.45
CA ASN A 314 0.97 -14.60 19.21
C ASN A 314 0.51 -14.19 17.86
N VAL A 315 0.83 -12.95 17.50
CA VAL A 315 0.24 -12.35 16.31
C VAL A 315 1.02 -12.76 15.08
N MET A 316 2.34 -12.62 15.14
CA MET A 316 3.14 -12.92 13.97
C MET A 316 3.46 -14.41 13.84
N ASP A 317 3.76 -15.07 14.95
CA ASP A 317 4.14 -16.48 14.86
C ASP A 317 2.94 -17.44 14.99
N GLU A 318 2.02 -17.18 15.92
CA GLU A 318 0.94 -18.13 16.22
C GLU A 318 -0.44 -17.83 15.63
N MET A 319 -0.52 -17.12 14.49
CA MET A 319 -1.83 -16.87 13.84
C MET A 319 -1.87 -17.13 12.32
N PRO A 320 -1.59 -18.37 11.90
CA PRO A 320 -1.50 -18.61 10.44
C PRO A 320 -2.81 -18.50 9.64
N PHE A 321 -3.96 -18.65 10.31
CA PHE A 321 -5.23 -18.55 9.58
C PHE A 321 -5.66 -17.07 9.33
N ALA A 322 -5.35 -16.20 10.28
CA ALA A 322 -5.51 -14.76 10.09
C ALA A 322 -4.68 -14.32 8.89
N GLU A 323 -3.42 -14.72 8.85
CA GLU A 323 -2.54 -14.44 7.69
C GLU A 323 -3.23 -14.83 6.39
N ARG A 324 -3.80 -16.03 6.34
CA ARG A 324 -4.45 -16.50 5.12
C ARG A 324 -5.60 -15.58 4.70
N CYS A 325 -6.43 -15.17 5.66
CA CYS A 325 -7.62 -14.35 5.38
C CYS A 325 -7.19 -12.98 4.84
N VAL A 326 -6.10 -12.44 5.38
CA VAL A 326 -5.66 -11.14 5.01
C VAL A 326 -5.11 -11.24 3.61
N ARG A 327 -4.29 -12.27 3.42
CA ARG A 327 -3.56 -12.49 2.18
C ARG A 327 -4.53 -12.74 1.05
N GLU A 328 -5.55 -13.55 1.31
CA GLU A 328 -6.57 -13.80 0.31
C GLU A 328 -7.34 -12.53 -0.04
N SER A 329 -7.46 -11.60 0.91
CA SER A 329 -8.20 -10.33 0.66
C SER A 329 -7.41 -9.43 -0.28
N ILE A 330 -6.12 -9.38 -0.05
CA ILE A 330 -5.23 -8.71 -0.95
C ILE A 330 -5.19 -9.40 -2.30
N ARG A 331 -5.23 -10.72 -2.27
CA ARG A 331 -5.31 -11.51 -3.52
C ARG A 331 -6.57 -11.16 -4.34
N ARG A 332 -7.74 -11.15 -3.70
CA ARG A 332 -8.96 -10.78 -4.41
C ARG A 332 -9.03 -9.31 -4.80
N ASP A 333 -8.59 -8.41 -3.93
CA ASP A 333 -8.67 -7.01 -4.26
C ASP A 333 -7.40 -6.25 -3.91
N PRO A 334 -6.33 -6.42 -4.75
CA PRO A 334 -5.06 -5.74 -4.47
C PRO A 334 -5.28 -4.25 -4.42
N PRO A 335 -4.91 -3.63 -3.34
CA PRO A 335 -5.16 -2.20 -3.32
C PRO A 335 -4.34 -1.40 -4.33
N LEU A 336 -3.20 -1.93 -4.76
CA LEU A 336 -2.38 -1.30 -5.79
C LEU A 336 -2.50 -2.16 -7.04
N LEU A 337 -3.21 -1.62 -8.04
CA LEU A 337 -3.54 -2.34 -9.28
C LEU A 337 -2.41 -2.67 -10.21
N MET A 338 -1.30 -1.97 -10.07
CA MET A 338 -0.33 -1.85 -11.13
C MET A 338 1.04 -1.40 -10.61
N VAL A 339 2.10 -2.08 -11.02
CA VAL A 339 3.47 -1.75 -10.64
C VAL A 339 4.16 -1.34 -11.93
N MET A 340 4.91 -0.27 -11.91
CA MET A 340 5.43 0.28 -13.15
C MET A 340 6.85 0.68 -13.08
N ARG A 341 7.50 0.67 -14.23
CA ARG A 341 8.89 1.04 -14.27
C ARG A 341 9.23 1.69 -15.60
N MET A 342 10.24 2.56 -15.59
CA MET A 342 10.75 3.12 -16.83
C MET A 342 11.94 2.31 -17.36
N VAL A 343 11.81 1.71 -18.54
CA VAL A 343 12.94 1.00 -19.16
C VAL A 343 14.08 1.99 -19.55
N LYS A 344 15.18 1.95 -18.83
CA LYS A 344 16.39 2.71 -19.16
C LYS A 344 17.37 1.97 -20.11
N ALA A 345 17.08 0.69 -20.39
CA ALA A 345 17.87 -0.12 -21.33
C ALA A 345 17.05 -1.37 -21.70
N GLU A 346 17.05 -1.79 -22.95
CA GLU A 346 16.07 -2.77 -23.34
C GLU A 346 16.23 -4.11 -22.67
N VAL A 347 15.13 -4.89 -22.59
CA VAL A 347 15.07 -6.07 -21.77
C VAL A 347 14.23 -7.14 -22.45
N LYS A 348 14.62 -8.42 -22.34
CA LYS A 348 13.84 -9.52 -22.89
C LYS A 348 12.62 -9.78 -22.01
N VAL A 349 11.55 -10.26 -22.61
CA VAL A 349 10.45 -10.72 -21.88
C VAL A 349 9.74 -11.77 -22.74
N GLY A 350 9.86 -13.04 -22.35
CA GLY A 350 9.38 -14.17 -23.19
C GLY A 350 10.14 -14.15 -24.51
N SER A 351 9.39 -14.23 -25.60
CA SER A 351 9.96 -14.14 -26.95
C SER A 351 10.08 -12.70 -27.49
N TYR A 352 9.87 -11.69 -26.62
CA TYR A 352 9.87 -10.27 -27.03
C TYR A 352 10.99 -9.49 -26.45
N VAL A 353 11.20 -8.30 -26.99
CA VAL A 353 12.09 -7.30 -26.37
C VAL A 353 11.31 -6.01 -26.16
N VAL A 354 11.66 -5.28 -25.12
CA VAL A 354 10.90 -4.12 -24.70
C VAL A 354 11.85 -2.91 -24.71
N PRO A 355 11.62 -1.98 -25.63
CA PRO A 355 12.63 -1.00 -25.95
C PRO A 355 12.76 0.02 -24.90
N LYS A 356 13.96 0.61 -24.83
CA LYS A 356 14.26 1.72 -23.94
C LYS A 356 13.29 2.89 -24.18
N GLY A 357 12.92 3.57 -23.11
CA GLY A 357 11.92 4.60 -23.18
C GLY A 357 10.50 4.12 -22.93
N ASP A 358 10.16 2.88 -23.30
CA ASP A 358 8.86 2.29 -22.90
C ASP A 358 8.68 2.42 -21.40
N ILE A 359 7.43 2.37 -20.98
CA ILE A 359 7.10 2.16 -19.59
C ILE A 359 6.67 0.69 -19.52
N ILE A 360 7.21 0.03 -18.49
CA ILE A 360 6.95 -1.37 -18.31
C ILE A 360 6.21 -1.57 -17.03
N ALA A 361 5.21 -2.43 -17.13
CA ALA A 361 4.22 -2.53 -16.12
C ALA A 361 3.76 -3.94 -15.86
N CYS A 362 3.49 -4.22 -14.62
CA CYS A 362 2.97 -5.51 -14.19
C CYS A 362 1.81 -5.30 -13.18
N SER A 363 0.80 -6.12 -13.27
CA SER A 363 -0.47 -5.84 -12.67
C SER A 363 -0.95 -6.91 -11.69
N PRO A 364 -0.82 -6.67 -10.39
CA PRO A 364 -1.42 -7.55 -9.40
C PRO A 364 -2.89 -7.88 -9.64
N LEU A 365 -3.67 -6.92 -10.12
CA LEU A 365 -5.08 -7.19 -10.40
C LEU A 365 -5.22 -8.31 -11.42
N LEU A 366 -4.40 -8.22 -12.46
CA LEU A 366 -4.44 -9.12 -13.59
C LEU A 366 -3.88 -10.48 -13.19
N SER A 367 -2.67 -10.49 -12.64
CA SER A 367 -2.11 -11.72 -12.15
C SER A 367 -3.00 -12.42 -11.14
N HIS A 368 -3.70 -11.65 -10.29
CA HIS A 368 -4.50 -12.27 -9.25
C HIS A 368 -5.84 -12.82 -9.72
N HIS A 369 -6.24 -12.49 -10.95
CA HIS A 369 -7.43 -13.05 -11.60
C HIS A 369 -7.14 -13.95 -12.80
N ASP A 370 -5.88 -14.36 -12.98
CA ASP A 370 -5.55 -15.35 -13.99
C ASP A 370 -6.06 -16.72 -13.47
N GLU A 371 -6.86 -17.42 -14.28
CA GLU A 371 -7.53 -18.66 -13.84
C GLU A 371 -6.63 -19.91 -13.74
N GLU A 372 -5.52 -19.95 -14.47
CA GLU A 372 -4.51 -21.00 -14.24
C GLU A 372 -3.96 -20.80 -12.83
N ALA A 373 -3.61 -19.53 -12.54
CA ALA A 373 -2.98 -19.12 -11.28
C ALA A 373 -3.88 -19.21 -10.02
N PHE A 374 -5.13 -18.77 -10.16
CA PHE A 374 -6.10 -18.76 -9.05
C PHE A 374 -7.46 -19.23 -9.56
N PRO A 375 -7.65 -20.55 -9.62
CA PRO A 375 -8.91 -21.19 -10.05
C PRO A 375 -10.15 -20.60 -9.33
N ASN A 376 -11.08 -20.10 -10.12
CA ASN A 376 -12.22 -19.32 -9.64
C ASN A 376 -11.79 -18.09 -8.86
N PRO A 377 -11.17 -17.14 -9.57
CA PRO A 377 -10.52 -15.97 -8.96
C PRO A 377 -11.50 -15.07 -8.21
N ARG A 378 -12.74 -15.08 -8.65
CA ARG A 378 -13.76 -14.29 -8.02
C ARG A 378 -14.17 -14.80 -6.60
N LEU A 379 -13.89 -16.06 -6.31
CA LEU A 379 -14.17 -16.58 -4.98
C LEU A 379 -13.09 -16.16 -3.99
N TRP A 380 -13.51 -15.60 -2.85
CA TRP A 380 -12.65 -15.39 -1.69
C TRP A 380 -12.56 -16.70 -0.85
N ASP A 381 -11.38 -17.32 -0.82
CA ASP A 381 -11.18 -18.59 -0.11
C ASP A 381 -9.84 -18.57 0.61
N PRO A 382 -9.87 -18.41 1.94
CA PRO A 382 -8.60 -18.29 2.65
C PRO A 382 -7.72 -19.52 2.60
N GLU A 383 -8.26 -20.62 2.07
CA GLU A 383 -7.55 -21.89 2.12
C GLU A 383 -6.93 -22.27 0.76
N ARG A 384 -7.15 -21.44 -0.26
CA ARG A 384 -6.54 -21.66 -1.56
C ARG A 384 -5.03 -21.47 -1.51
N ASP A 385 -4.40 -21.77 -2.64
CA ASP A 385 -2.97 -21.63 -2.89
C ASP A 385 -2.78 -21.24 -4.36
N GLU A 386 -1.73 -20.47 -4.64
CA GLU A 386 -1.36 -20.17 -6.04
C GLU A 386 -1.09 -21.45 -6.86
N LYS A 387 -1.64 -21.51 -8.08
CA LYS A 387 -1.33 -22.60 -9.00
C LYS A 387 -0.18 -22.22 -9.94
N VAL A 388 0.28 -20.97 -9.82
CA VAL A 388 1.53 -20.51 -10.45
C VAL A 388 2.42 -19.84 -9.41
N ASP A 389 3.66 -20.28 -9.38
CA ASP A 389 4.62 -19.81 -8.42
C ASP A 389 5.03 -18.38 -8.77
N GLY A 390 5.00 -17.53 -7.74
CA GLY A 390 5.17 -16.08 -7.86
C GLY A 390 3.99 -15.28 -8.41
N ALA A 391 2.81 -15.88 -8.59
CA ALA A 391 1.64 -15.18 -9.20
C ALA A 391 0.99 -14.18 -8.24
N PHE A 392 1.13 -14.43 -6.94
CA PHE A 392 0.74 -13.47 -5.94
C PHE A 392 1.82 -12.40 -5.84
N ILE A 393 1.45 -11.14 -6.05
CA ILE A 393 2.38 -10.03 -6.06
C ILE A 393 1.75 -8.80 -5.39
N GLY A 394 0.97 -9.04 -4.33
CA GLY A 394 0.24 -7.98 -3.64
C GLY A 394 1.21 -6.96 -3.05
N PHE A 395 2.38 -7.45 -2.63
CA PHE A 395 3.46 -6.63 -2.15
C PHE A 395 4.63 -6.59 -3.11
N GLY A 396 4.40 -6.97 -4.35
CA GLY A 396 5.48 -7.11 -5.29
C GLY A 396 6.40 -8.30 -5.02
N ALA A 397 7.66 -8.14 -5.38
CA ALA A 397 8.65 -9.23 -5.40
C ALA A 397 10.02 -8.65 -5.72
N GLY A 398 11.07 -9.36 -5.39
CA GLY A 398 12.42 -8.97 -5.77
C GLY A 398 13.00 -7.81 -5.01
N VAL A 399 13.72 -6.93 -5.71
CA VAL A 399 14.52 -5.92 -5.01
C VAL A 399 13.59 -4.86 -4.47
N HIS A 400 12.60 -4.52 -5.27
CA HIS A 400 11.64 -3.54 -4.90
C HIS A 400 10.47 -4.06 -4.07
N LYS A 401 10.52 -5.25 -3.45
CA LYS A 401 9.32 -5.73 -2.74
C LYS A 401 8.97 -4.81 -1.57
N CYS A 402 7.69 -4.74 -1.22
CA CYS A 402 7.25 -3.83 -0.19
C CYS A 402 8.05 -3.97 1.09
N ILE A 403 8.62 -2.87 1.55
CA ILE A 403 9.37 -2.89 2.79
C ILE A 403 8.51 -2.57 4.03
N GLY A 404 7.22 -2.33 3.88
CA GLY A 404 6.37 -2.16 5.04
C GLY A 404 5.43 -3.31 5.17
N GLN A 405 5.69 -4.37 4.44
CA GLN A 405 4.82 -5.55 4.49
C GLN A 405 4.65 -6.17 5.89
N LYS A 406 5.71 -6.24 6.68
CA LYS A 406 5.67 -6.97 7.92
C LYS A 406 4.91 -6.12 8.95
N PHE A 407 5.19 -4.81 8.92
CA PHE A 407 4.45 -3.80 9.70
C PHE A 407 2.98 -3.73 9.30
N ALA A 408 2.72 -3.55 8.02
CA ALA A 408 1.34 -3.58 7.54
C ALA A 408 0.58 -4.77 8.11
N LEU A 409 1.15 -5.95 8.00
CA LEU A 409 0.51 -7.18 8.43
C LEU A 409 0.38 -7.27 9.98
N LEU A 410 1.39 -6.83 10.71
CA LEU A 410 1.28 -6.83 12.16
C LEU A 410 0.00 -6.10 12.59
N GLN A 411 -0.12 -4.89 12.05
CA GLN A 411 -1.13 -3.91 12.38
C GLN A 411 -2.54 -4.38 11.98
N VAL A 412 -2.65 -4.96 10.81
CA VAL A 412 -3.90 -5.54 10.34
C VAL A 412 -4.32 -6.77 11.14
N LYS A 413 -3.37 -7.65 11.41
CA LYS A 413 -3.67 -8.88 12.14
C LYS A 413 -4.12 -8.57 13.57
N THR A 414 -3.42 -7.66 14.20
CA THR A 414 -3.77 -7.22 15.50
C THR A 414 -5.16 -6.60 15.58
N ILE A 415 -5.49 -5.74 14.64
CA ILE A 415 -6.81 -5.07 14.68
C ILE A 415 -7.89 -6.07 14.46
N LEU A 416 -7.69 -7.01 13.56
CA LEU A 416 -8.64 -8.10 13.39
C LEU A 416 -8.88 -8.85 14.67
N ALA A 417 -7.78 -9.16 15.35
CA ALA A 417 -7.81 -10.05 16.52
C ALA A 417 -8.46 -9.34 17.67
N THR A 418 -8.13 -8.06 17.86
CA THR A 418 -8.74 -7.27 18.91
C THR A 418 -10.20 -7.01 18.64
N ALA A 419 -10.56 -6.76 17.39
CA ALA A 419 -11.93 -6.36 17.05
C ALA A 419 -12.92 -7.49 17.14
N PHE A 420 -12.57 -8.64 16.58
CA PHE A 420 -13.54 -9.74 16.40
C PHE A 420 -13.76 -10.50 17.69
N ARG A 421 -12.77 -10.40 18.57
CA ARG A 421 -12.85 -10.86 19.93
C ARG A 421 -13.95 -10.11 20.69
N GLU A 422 -14.03 -8.79 20.50
CA GLU A 422 -14.92 -7.95 21.31
C GLU A 422 -16.26 -7.57 20.70
N TYR A 423 -16.46 -7.80 19.39
CA TYR A 423 -17.71 -7.43 18.73
C TYR A 423 -18.10 -8.39 17.62
N ASP A 424 -19.40 -8.44 17.31
CA ASP A 424 -19.89 -9.11 16.13
C ASP A 424 -20.16 -8.04 15.15
N PHE A 425 -20.15 -8.38 13.88
CA PHE A 425 -20.30 -7.37 12.87
C PHE A 425 -21.28 -7.84 11.82
N GLN A 426 -22.17 -6.95 11.44
CA GLN A 426 -23.15 -7.27 10.44
C GLN A 426 -23.11 -6.24 9.35
N LEU A 427 -23.09 -6.72 8.11
CA LEU A 427 -23.01 -5.89 6.93
C LEU A 427 -24.44 -5.55 6.53
N LEU A 428 -24.69 -4.29 6.17
CA LEU A 428 -26.03 -3.78 5.91
C LEU A 428 -26.44 -3.73 4.42
N ARG A 429 -26.14 -4.81 3.71
CA ARG A 429 -26.56 -5.02 2.34
C ARG A 429 -26.27 -6.48 2.06
N ASP A 430 -26.83 -7.02 0.97
CA ASP A 430 -26.73 -8.47 0.71
C ASP A 430 -25.30 -8.93 0.40
N GLU A 431 -24.71 -8.45 -0.68
CA GLU A 431 -23.38 -8.92 -1.10
C GLU A 431 -22.23 -7.98 -0.66
N VAL A 432 -21.02 -8.49 -0.70
CA VAL A 432 -19.90 -7.68 -0.26
C VAL A 432 -19.74 -6.49 -1.24
N PRO A 433 -19.24 -5.35 -0.73
CA PRO A 433 -19.08 -4.16 -1.57
C PRO A 433 -18.29 -4.37 -2.85
N ASP A 434 -18.73 -3.69 -3.90
CA ASP A 434 -17.94 -3.58 -5.13
C ASP A 434 -16.68 -2.77 -4.81
N PRO A 435 -15.56 -3.12 -5.45
CA PRO A 435 -14.42 -2.20 -5.44
C PRO A 435 -14.79 -0.98 -6.25
N ASP A 436 -14.16 0.14 -5.93
CA ASP A 436 -14.27 1.40 -6.62
C ASP A 436 -12.94 1.63 -7.30
N TYR A 437 -12.88 1.46 -8.62
CA TYR A 437 -11.62 1.58 -9.37
C TYR A 437 -11.28 3.00 -9.74
N HIS A 438 -12.05 3.97 -9.30
CA HIS A 438 -11.78 5.38 -9.66
C HIS A 438 -10.54 5.97 -9.00
N THR A 439 -10.21 5.50 -7.79
CA THR A 439 -9.14 6.13 -6.98
C THR A 439 -7.71 5.59 -7.25
N MET A 440 -6.68 6.34 -6.83
CA MET A 440 -5.28 5.89 -6.88
C MET A 440 -5.12 4.54 -6.17
N VAL A 441 -5.54 4.50 -4.91
CA VAL A 441 -5.49 3.27 -4.16
C VAL A 441 -6.87 2.72 -4.15
N VAL A 442 -7.03 1.47 -4.54
CA VAL A 442 -8.36 0.93 -4.76
C VAL A 442 -8.84 0.17 -3.55
N GLY A 443 -10.05 0.49 -3.13
CA GLY A 443 -10.70 -0.27 -2.08
C GLY A 443 -12.20 -0.43 -2.32
N PRO A 444 -12.92 -0.85 -1.27
CA PRO A 444 -14.36 -0.96 -1.37
C PRO A 444 -15.04 0.37 -1.49
N THR A 445 -16.19 0.39 -2.16
CA THR A 445 -16.94 1.63 -2.29
C THR A 445 -17.37 2.15 -0.92
N LEU A 446 -17.07 3.42 -0.66
CA LEU A 446 -17.30 4.00 0.68
C LEU A 446 -18.74 3.77 1.20
N ASN A 447 -19.72 4.09 0.37
CA ASN A 447 -21.12 4.12 0.81
C ASN A 447 -21.78 2.74 0.79
N GLN A 448 -21.02 1.72 0.45
CA GLN A 448 -21.52 0.35 0.66
C GLN A 448 -20.93 -0.29 1.92
N CYS A 449 -20.02 0.42 2.58
CA CYS A 449 -19.36 -0.07 3.78
C CYS A 449 -20.10 0.17 5.12
N LEU A 450 -21.42 0.19 5.11
CA LEU A 450 -22.17 0.37 6.35
C LEU A 450 -22.31 -0.96 7.10
N VAL A 451 -21.97 -0.91 8.38
CA VAL A 451 -21.84 -2.08 9.19
C VAL A 451 -22.45 -1.82 10.56
N LYS A 452 -23.18 -2.79 11.07
CA LYS A 452 -23.71 -2.73 12.41
C LYS A 452 -22.86 -3.55 13.39
N TYR A 453 -22.21 -2.90 14.35
CA TYR A 453 -21.54 -3.67 15.40
C TYR A 453 -22.51 -4.11 16.51
N THR A 454 -22.13 -5.17 17.21
CA THR A 454 -22.82 -5.63 18.41
C THR A 454 -21.75 -6.06 19.43
N ARG A 455 -21.74 -5.36 20.55
CA ARG A 455 -20.83 -5.63 21.64
C ARG A 455 -21.14 -7.03 22.15
N LYS A 456 -20.10 -7.86 22.29
CA LYS A 456 -20.23 -9.28 22.65
C LYS A 456 -20.47 -9.55 24.14
N LYS A 457 -21.07 -10.70 24.45
CA LYS A 457 -21.29 -11.16 25.84
C LYS A 457 -20.00 -11.67 26.48
CHA HEM B . 6.49 -1.27 -2.50
CHB HEM B . 2.08 -2.90 -1.73
CHC HEM B . 2.26 -1.07 2.69
CHD HEM B . 6.32 1.11 1.63
C1A HEM B . 5.33 -1.92 -2.62
C2A HEM B . 4.95 -2.53 -3.83
C3A HEM B . 3.70 -2.97 -3.63
C4A HEM B . 3.33 -2.63 -2.31
CMA HEM B . 2.83 -3.73 -4.62
CAA HEM B . 5.80 -2.61 -5.08
CBA HEM B . 6.99 -3.55 -4.80
CGA HEM B . 7.83 -3.96 -6.03
O1A HEM B . 8.32 -5.15 -6.10
O2A HEM B . 7.97 -3.07 -6.93
C1B HEM B . 1.76 -2.53 -0.42
C2B HEM B . 0.58 -2.94 0.25
C3B HEM B . 0.64 -2.43 1.50
C4B HEM B . 1.90 -1.73 1.57
CMB HEM B . -0.52 -3.80 -0.31
CAB HEM B . -0.25 -2.61 2.63
CBB HEM B . -1.20 -3.55 2.67
C1C HEM B . 3.39 -0.30 2.82
C2C HEM B . 3.80 0.30 3.99
C3C HEM B . 4.95 0.96 3.69
C4C HEM B . 5.25 0.71 2.32
CMC HEM B . 3.12 0.35 5.37
CAC HEM B . 5.63 1.71 4.72
CBC HEM B . 6.81 2.26 4.50
C1D HEM B . 6.64 0.57 0.44
C2D HEM B . 7.93 0.95 -0.22
C3D HEM B . 7.95 0.27 -1.38
C4D HEM B . 6.72 -0.50 -1.41
CMD HEM B . 8.96 1.89 0.30
CAD HEM B . 8.90 0.13 -2.53
CBD HEM B . 10.26 0.77 -2.36
CGD HEM B . 11.15 0.25 -3.46
O1D HEM B . 11.95 -0.66 -3.12
O2D HEM B . 11.09 0.75 -4.62
NA HEM B . 4.32 -1.94 -1.73
NB HEM B . 2.48 -1.83 0.40
NC HEM B . 4.27 -0.08 1.84
ND HEM B . 5.98 -0.29 -0.30
FE HEM B . 4.30 -0.99 0.00
S SO4 C . 11.95 20.61 -1.27
O1 SO4 C . 10.61 20.20 -1.73
O2 SO4 C . 12.29 21.90 -1.88
O3 SO4 C . 12.93 19.56 -1.56
O4 SO4 C . 11.93 20.81 0.16
S SO4 D . -17.32 -12.79 -0.28
O1 SO4 D . -18.40 -12.42 -1.23
O2 SO4 D . -16.74 -11.58 0.28
O3 SO4 D . -16.31 -13.62 -0.96
O4 SO4 D . -17.84 -13.60 0.83
S SO4 E . 5.44 -7.78 22.85
O1 SO4 E . 4.64 -7.06 21.84
O2 SO4 E . 6.60 -6.93 23.22
O3 SO4 E . 5.87 -9.07 22.27
O4 SO4 E . 4.59 -7.96 24.07
S SO4 F . 20.96 18.48 9.01
O1 SO4 F . 19.88 19.14 8.26
O2 SO4 F . 21.42 19.34 10.13
O3 SO4 F . 22.11 18.23 8.12
O4 SO4 F . 20.42 17.24 9.60
S SO4 G . 4.78 -12.57 -0.02
O1 SO4 G . 4.54 -13.52 -1.10
O2 SO4 G . 3.52 -11.81 0.14
O3 SO4 G . 5.91 -11.64 -0.34
O4 SO4 G . 5.08 -13.32 1.24
S SO4 H . 7.79 -19.15 -3.07
O1 SO4 H . 6.31 -19.17 -3.25
O2 SO4 H . 8.36 -17.88 -3.61
O3 SO4 H . 8.38 -20.30 -3.79
O4 SO4 H . 8.09 -19.28 -1.62
S SO4 I . 11.34 -15.94 -19.89
O1 SO4 I . 10.60 -16.58 -21.04
O2 SO4 I . 11.02 -14.49 -19.81
O3 SO4 I . 12.81 -16.13 -20.05
O4 SO4 I . 10.86 -16.58 -18.62
O1 25S J . 1.10 5.21 -1.41
C5 25S J . 1.47 5.13 -2.61
N1 25S J . 2.02 4.04 -3.19
C4 25S J . 2.40 2.96 -2.49
C3 25S J . 3.56 2.30 -2.91
C2 25S J . 4.10 1.24 -2.18
N 25S J . 3.52 0.79 -1.04
C1 25S J . 2.41 1.44 -0.58
C 25S J . 1.84 2.53 -1.28
C6 25S J . 1.34 6.36 -3.51
C24 25S J . 2.55 7.29 -3.43
C25 25S J . 3.78 6.53 -3.80
C28 25S J . 4.72 5.85 -2.88
C29 25S J . 4.77 5.75 -1.51
C30 25S J . 5.84 5.02 -0.97
C31 25S J . 6.80 4.41 -1.78
C32 25S J . 6.77 4.48 -3.17
C27 25S J . 5.73 5.22 -3.75
N5 25S J . 5.40 5.52 -5.02
C26 25S J . 4.27 6.26 -5.09
N2 25S J . 1.12 6.06 -4.91
C7 25S J . -0.06 5.60 -5.32
O 25S J . -0.90 5.36 -4.50
C8 25S J . -0.40 5.40 -6.75
C23 25S J . 0.39 5.92 -7.87
F2 25S J . 1.51 6.60 -7.66
C22 25S J . 0.01 5.66 -9.18
C11 25S J . -1.15 4.92 -9.43
C10 25S J . -1.93 4.46 -8.37
C9 25S J . -1.56 4.69 -7.06
N3 25S J . -1.56 4.69 -10.73
C21 25S J . -0.56 4.31 -11.71
C20 25S J . -1.10 4.88 -13.00
N4 25S J . -2.19 3.94 -13.25
C13 25S J . -3.19 3.69 -12.21
C12 25S J . -2.98 4.75 -11.10
C14 25S J . -2.16 3.23 -14.45
C19 25S J . -0.98 2.52 -14.64
C18 25S J . -0.75 1.77 -15.78
C17 25S J . -1.74 1.73 -16.73
F1 25S J . -1.49 0.99 -17.81
C16 25S J . -3.02 2.47 -16.57
F 25S J . -3.95 2.39 -17.55
C15 25S J . -3.20 3.23 -15.40
#